data_8FZP
#
_entry.id   8FZP
#
_cell.length_a   62.240
_cell.length_b   108.470
_cell.length_c   115.750
_cell.angle_alpha   90.000
_cell.angle_beta   90.000
_cell.angle_gamma   90.000
#
_symmetry.space_group_name_H-M   'P 21 21 21'
#
loop_
_entity.id
_entity.type
_entity.pdbx_description
1 polymer '43G10 Fab heavy chain'
2 polymer '43G10 Fab light chain'
3 water water
#
loop_
_entity_poly.entity_id
_entity_poly.type
_entity_poly.pdbx_seq_one_letter_code
_entity_poly.pdbx_strand_id
1 'polypeptide(L)'
;QVQLKQSGPGLVKPSQSLSLTCSVTGYSITSGFYWTWIRQFPGNKVEWMGYINYAGNNDYNPSLKDRISITRDTSKNQFF
LKLNSVTSEDTATYYCTRGTGRIEYWGQGTSVTVSSASTKGPSVFPLAPSSKSTSGGTAALGCLVKDYFPEPVTVSWNSG
ALTSGVHTFPAVLQSSGLYSLSSVVTVPSSSLGTQTYICNVNHKPSNTKVDKKVEPKSCDKTHT
;
A
2 'polypeptide(L)'
;DIKMTQSPSSLAVSVGEKVSMSCKSSQSLLYSYNQKNYLAWYQQAPGQSPKLLIYWASTRESGVPDRFTGSGSGTDFTLT
ISNVKTEDLAVYYCQQYHSHPLTFGQGTKVEIKRTVAAPSVFIFPPSDSQLKSGTASVVCLLNNFYPREAKVQWKVDNAL
QSGNSQESVTEQDSKDSTYSLSSTLTLSKADYEKHKVYACEVTHQGLSSPVTKSFNRGECSRGGLEVLAQ
;
B
#
# COMPACT_ATOMS: atom_id res chain seq x y z
N VAL A 2 9.34 -13.52 19.02
CA VAL A 2 8.44 -12.59 19.69
C VAL A 2 7.46 -12.01 18.67
N GLN A 3 6.24 -11.71 19.12
CA GLN A 3 5.20 -11.14 18.27
C GLN A 3 4.71 -9.84 18.89
N LEU A 4 4.58 -8.82 18.05
CA LEU A 4 4.07 -7.51 18.46
C LEU A 4 2.78 -7.23 17.69
N LYS A 5 1.67 -7.10 18.41
CA LYS A 5 0.36 -6.94 17.79
C LYS A 5 -0.25 -5.63 18.25
N GLN A 6 -0.54 -4.75 17.29
CA GLN A 6 -0.98 -3.39 17.58
C GLN A 6 -2.49 -3.28 17.49
N SER A 7 -3.03 -2.34 18.26
CA SER A 7 -4.46 -2.03 18.27
C SER A 7 -4.64 -0.58 18.69
N GLY A 8 -5.82 -0.04 18.38
CA GLY A 8 -6.15 1.34 18.69
C GLY A 8 -6.76 2.06 17.51
N PRO A 9 -7.49 3.15 17.79
CA PRO A 9 -8.27 3.80 16.73
C PRO A 9 -7.41 4.43 15.64
N GLY A 10 -7.92 4.38 14.42
CA GLY A 10 -7.26 4.92 13.25
C GLY A 10 -7.71 6.30 12.82
N LEU A 11 -8.52 6.98 13.63
CA LEU A 11 -8.98 8.33 13.37
C LEU A 11 -8.94 9.10 14.69
N VAL A 12 -8.36 10.30 14.66
N VAL A 12 -8.33 10.30 14.65
CA VAL A 12 -8.31 11.15 15.85
CA VAL A 12 -8.21 11.17 15.81
C VAL A 12 -8.52 12.59 15.43
C VAL A 12 -8.56 12.58 15.37
N LYS A 13 -9.36 13.30 16.18
CA LYS A 13 -9.70 14.66 15.84
C LYS A 13 -8.56 15.61 16.20
N PRO A 14 -8.37 16.68 15.43
CA PRO A 14 -7.29 17.63 15.76
C PRO A 14 -7.45 18.17 17.17
N SER A 15 -6.31 18.29 17.86
CA SER A 15 -6.13 18.75 19.25
C SER A 15 -6.49 17.68 20.27
N GLN A 16 -6.94 16.50 19.85
CA GLN A 16 -7.22 15.41 20.77
C GLN A 16 -5.97 14.51 20.86
N SER A 17 -6.09 13.38 21.56
CA SER A 17 -4.96 12.53 21.85
C SER A 17 -5.03 11.23 21.06
N LEU A 18 -3.89 10.82 20.51
CA LEU A 18 -3.74 9.51 19.91
C LEU A 18 -3.28 8.51 20.96
N SER A 19 -3.97 7.38 21.06
CA SER A 19 -3.58 6.30 21.96
C SER A 19 -3.53 4.99 21.19
N LEU A 20 -2.38 4.32 21.24
CA LEU A 20 -2.19 3.01 20.63
C LEU A 20 -1.65 2.01 21.64
N THR A 21 -1.92 0.73 21.39
CA THR A 21 -1.53 -0.37 22.27
C THR A 21 -0.73 -1.41 21.50
N CYS A 22 0.37 -1.88 22.11
CA CYS A 22 1.16 -2.97 21.55
C CYS A 22 1.10 -4.15 22.51
N SER A 23 0.62 -5.29 22.02
CA SER A 23 0.56 -6.51 22.82
C SER A 23 1.71 -7.42 22.43
N VAL A 24 2.57 -7.73 23.40
CA VAL A 24 3.78 -8.51 23.18
C VAL A 24 3.54 -9.94 23.66
N THR A 25 3.94 -10.91 22.84
CA THR A 25 3.94 -12.31 23.23
C THR A 25 5.27 -12.93 22.80
N GLY A 26 5.67 -13.99 23.51
CA GLY A 26 6.92 -14.66 23.20
C GLY A 26 8.12 -14.11 23.94
N TYR A 27 7.96 -13.04 24.70
CA TYR A 27 9.05 -12.40 25.41
C TYR A 27 8.46 -11.39 26.37
N SER A 28 9.00 -11.35 27.59
CA SER A 28 8.52 -10.46 28.62
C SER A 28 9.20 -9.10 28.47
N ILE A 29 8.40 -8.03 28.53
CA ILE A 29 8.92 -6.69 28.27
C ILE A 29 9.76 -6.22 29.45
N THR A 30 9.82 -7.01 30.52
CA THR A 30 10.72 -6.69 31.63
C THR A 30 12.08 -7.34 31.52
N SER A 31 12.24 -8.35 30.65
CA SER A 31 13.50 -9.07 30.56
C SER A 31 14.59 -8.30 29.84
N GLY A 32 14.25 -7.30 29.05
CA GLY A 32 15.26 -6.56 28.32
C GLY A 32 14.63 -5.71 27.24
N PHE A 33 15.50 -5.02 26.52
CA PHE A 33 15.21 -4.31 25.28
C PHE A 33 14.46 -3.00 25.46
N TYR A 34 14.35 -2.27 24.36
CA TYR A 34 13.70 -0.98 24.31
C TYR A 34 12.42 -1.16 23.50
N TRP A 35 11.29 -0.91 24.15
CA TRP A 35 9.98 -1.12 23.54
C TRP A 35 9.57 0.21 22.92
N THR A 36 9.60 0.27 21.59
CA THR A 36 9.85 1.49 20.85
C THR A 36 8.70 1.79 19.90
N TRP A 37 8.33 3.06 19.81
CA TRP A 37 7.36 3.50 18.81
C TRP A 37 8.07 4.27 17.70
N ILE A 38 7.78 3.90 16.45
CA ILE A 38 8.34 4.55 15.28
C ILE A 38 7.16 4.81 14.35
N ARG A 39 7.16 5.94 13.66
CA ARG A 39 6.09 6.26 12.72
C ARG A 39 6.66 6.60 11.35
N GLN A 40 5.86 6.33 10.31
CA GLN A 40 6.27 6.58 8.93
C GLN A 40 5.20 7.44 8.27
N PHE A 41 5.61 8.59 7.75
CA PHE A 41 4.69 9.57 7.22
C PHE A 41 4.35 9.23 5.78
N PRO A 42 3.27 9.80 5.25
CA PRO A 42 3.09 9.78 3.79
C PRO A 42 4.26 10.51 3.17
N GLY A 43 4.89 9.87 2.19
CA GLY A 43 6.12 10.41 1.65
C GLY A 43 7.37 9.71 2.14
N ASN A 44 7.22 8.75 3.07
CA ASN A 44 8.19 7.73 3.45
C ASN A 44 9.19 8.16 4.51
N LYS A 45 9.14 9.39 5.03
CA LYS A 45 10.04 9.74 6.13
C LYS A 45 9.68 8.88 7.33
N VAL A 46 10.72 8.43 8.06
CA VAL A 46 10.58 7.55 9.20
C VAL A 46 11.15 8.27 10.41
N GLU A 47 10.39 8.28 11.51
CA GLU A 47 10.75 9.05 12.70
C GLU A 47 10.72 8.15 13.92
N TRP A 48 11.81 8.14 14.69
CA TRP A 48 11.85 7.46 15.98
C TRP A 48 11.13 8.33 17.00
N MET A 49 10.13 7.76 17.69
CA MET A 49 9.37 8.54 18.66
C MET A 49 9.89 8.41 20.10
N GLY A 50 10.29 7.22 20.51
CA GLY A 50 10.76 7.04 21.87
C GLY A 50 10.58 5.60 22.30
N TYR A 51 10.96 5.32 23.54
CA TYR A 51 10.78 3.97 24.04
C TYR A 51 10.37 4.02 25.50
N ILE A 52 9.89 2.87 25.99
CA ILE A 52 9.99 2.52 27.40
C ILE A 52 10.86 1.28 27.47
N ASN A 53 11.82 1.25 28.40
CA ASN A 53 12.74 0.11 28.42
C ASN A 53 12.25 -0.91 29.45
N TYR A 54 13.04 -1.98 29.60
CA TYR A 54 12.67 -3.09 30.47
C TYR A 54 12.50 -2.65 31.92
N ALA A 55 13.13 -1.55 32.32
CA ALA A 55 13.04 -1.06 33.69
C ALA A 55 11.94 -0.02 33.89
N GLY A 56 11.20 0.33 32.84
CA GLY A 56 10.14 1.30 32.99
C GLY A 56 10.55 2.74 32.74
N ASN A 57 11.78 2.97 32.31
CA ASN A 57 12.25 4.32 32.03
C ASN A 57 12.09 4.66 30.55
N ASN A 58 12.11 5.95 30.25
CA ASN A 58 11.75 6.45 28.93
C ASN A 58 12.86 7.28 28.31
N ASP A 59 12.88 7.32 26.98
CA ASP A 59 13.52 8.41 26.27
C ASP A 59 12.62 8.72 25.08
N TYR A 60 12.59 9.99 24.68
CA TYR A 60 11.67 10.49 23.66
C TYR A 60 12.43 11.35 22.68
N ASN A 61 11.92 11.42 21.46
CA ASN A 61 12.44 12.36 20.49
C ASN A 61 12.15 13.77 20.97
N PRO A 62 13.14 14.66 21.03
CA PRO A 62 12.84 16.05 21.42
C PRO A 62 11.84 16.73 20.48
N SER A 63 11.72 16.25 19.24
CA SER A 63 10.72 16.80 18.32
C SER A 63 9.32 16.63 18.85
N LEU A 64 9.09 15.69 19.77
CA LEU A 64 7.78 15.47 20.35
C LEU A 64 7.65 16.13 21.69
N LYS A 65 8.45 17.17 21.92
CA LYS A 65 8.40 18.05 23.07
C LYS A 65 7.83 17.36 24.29
N ASP A 66 6.68 17.84 24.70
CA ASP A 66 5.99 17.37 25.89
C ASP A 66 4.66 16.77 25.50
N ARG A 67 4.54 16.26 24.27
CA ARG A 67 3.30 15.71 23.79
C ARG A 67 3.20 14.21 23.97
N ILE A 68 4.31 13.52 24.27
CA ILE A 68 4.34 12.06 24.19
C ILE A 68 4.48 11.47 25.58
N SER A 69 3.82 10.34 25.76
CA SER A 69 4.00 9.46 26.91
C SER A 69 3.99 8.03 26.41
N ILE A 70 4.99 7.25 26.81
CA ILE A 70 5.02 5.81 26.54
C ILE A 70 5.00 5.09 27.88
N THR A 71 3.98 4.28 28.09
CA THR A 71 3.76 3.57 29.35
C THR A 71 3.66 2.08 29.09
N ARG A 72 3.44 1.30 30.16
CA ARG A 72 3.37 -0.15 30.01
C ARG A 72 2.43 -0.73 31.06
N ASP A 73 2.10 -2.01 30.85
CA ASP A 73 1.32 -2.81 31.80
C ASP A 73 1.99 -4.18 31.81
N THR A 74 2.84 -4.42 32.81
CA THR A 74 3.66 -5.62 32.80
C THR A 74 2.84 -6.89 32.97
N SER A 75 1.68 -6.80 33.62
CA SER A 75 0.87 -8.00 33.83
C SER A 75 0.21 -8.48 32.54
N LYS A 76 -0.07 -7.57 31.61
CA LYS A 76 -0.58 -7.92 30.30
C LYS A 76 0.51 -7.99 29.24
N ASN A 77 1.74 -7.59 29.57
CA ASN A 77 2.86 -7.55 28.63
C ASN A 77 2.55 -6.61 27.47
N GLN A 78 1.98 -5.45 27.81
CA GLN A 78 1.61 -4.42 26.86
C GLN A 78 2.39 -3.16 27.13
N PHE A 79 2.67 -2.39 26.07
CA PHE A 79 3.11 -1.02 26.20
C PHE A 79 2.30 -0.15 25.25
N PHE A 80 2.25 1.14 25.56
CA PHE A 80 1.26 2.06 25.04
C PHE A 80 1.92 3.35 24.57
N LEU A 81 1.35 3.93 23.52
CA LEU A 81 1.69 5.26 23.06
C LEU A 81 0.53 6.20 23.34
N LYS A 82 0.83 7.37 23.92
CA LYS A 82 -0.12 8.48 23.95
C LYS A 82 0.56 9.71 23.38
N LEU A 83 -0.08 10.34 22.40
CA LEU A 83 0.45 11.54 21.78
C LEU A 83 -0.62 12.61 21.81
N ASN A 84 -0.34 13.72 22.49
CA ASN A 84 -1.36 14.73 22.74
C ASN A 84 -1.39 15.78 21.65
N SER A 85 -2.50 16.52 21.59
CA SER A 85 -2.60 17.74 20.81
C SER A 85 -2.24 17.50 19.33
N VAL A 86 -2.80 16.44 18.76
CA VAL A 86 -2.35 16.04 17.43
C VAL A 86 -2.90 17.00 16.38
N THR A 87 -2.18 17.09 15.26
CA THR A 87 -2.61 17.80 14.07
C THR A 87 -2.40 16.90 12.87
N SER A 88 -2.69 17.43 11.68
CA SER A 88 -2.47 16.69 10.46
C SER A 88 -1.01 16.29 10.27
N GLU A 89 -0.08 16.94 10.99
CA GLU A 89 1.32 16.55 10.93
C GLU A 89 1.58 15.20 11.61
N ASP A 90 0.61 14.67 12.34
CA ASP A 90 0.76 13.39 13.01
C ASP A 90 0.08 12.25 12.27
N THR A 91 -0.58 12.54 11.15
CA THR A 91 -1.05 11.47 10.27
C THR A 91 0.12 10.65 9.74
N ALA A 92 0.10 9.34 10.03
CA ALA A 92 1.24 8.48 9.72
C ALA A 92 0.81 7.05 9.99
N THR A 93 1.68 6.12 9.59
CA THR A 93 1.58 4.75 10.04
C THR A 93 2.49 4.57 11.25
N TYR A 94 1.94 4.03 12.33
CA TYR A 94 2.62 3.89 13.61
C TYR A 94 3.02 2.44 13.82
N TYR A 95 4.28 2.19 14.12
CA TYR A 95 4.79 0.85 14.38
C TYR A 95 5.27 0.76 15.82
N CYS A 96 4.83 -0.28 16.52
CA CYS A 96 5.53 -0.65 17.75
C CYS A 96 6.62 -1.66 17.38
N THR A 97 7.74 -1.60 18.12
CA THR A 97 8.92 -2.35 17.77
C THR A 97 9.66 -2.76 19.04
N ARG A 98 10.52 -3.76 18.90
CA ARG A 98 11.48 -4.12 19.95
C ARG A 98 12.88 -3.80 19.43
N GLY A 99 13.56 -2.88 20.10
CA GLY A 99 14.86 -2.45 19.64
C GLY A 99 15.97 -2.68 20.64
N THR A 100 17.19 -2.64 20.13
CA THR A 100 18.39 -2.72 20.95
C THR A 100 19.45 -1.93 20.20
N GLY A 101 19.12 -0.67 19.90
CA GLY A 101 19.85 0.13 18.94
C GLY A 101 19.27 -0.09 17.55
N ARG A 102 19.66 -1.18 16.92
CA ARG A 102 18.94 -1.65 15.75
C ARG A 102 17.55 -2.11 16.15
N ILE A 103 16.66 -2.19 15.17
CA ILE A 103 15.27 -2.55 15.43
C ILE A 103 15.01 -3.87 14.74
N GLU A 104 14.94 -4.96 15.50
CA GLU A 104 14.82 -6.28 14.90
C GLU A 104 13.37 -6.69 14.63
N TYR A 105 12.45 -6.42 15.55
CA TYR A 105 11.07 -6.86 15.44
C TYR A 105 10.14 -5.66 15.29
N TRP A 106 9.22 -5.74 14.33
CA TRP A 106 8.26 -4.68 14.06
C TRP A 106 6.84 -5.22 14.14
N GLY A 107 5.94 -4.41 14.67
CA GLY A 107 4.52 -4.68 14.59
C GLY A 107 4.04 -4.51 13.16
N GLN A 108 2.76 -4.82 12.95
CA GLN A 108 2.18 -4.72 11.60
C GLN A 108 1.88 -3.28 11.18
N GLY A 109 1.79 -2.35 12.13
CA GLY A 109 1.54 -0.97 11.77
C GLY A 109 0.08 -0.59 11.92
N THR A 110 -0.17 0.63 12.40
CA THR A 110 -1.53 1.16 12.53
C THR A 110 -1.60 2.46 11.74
N SER A 111 -2.50 2.51 10.77
CA SER A 111 -2.72 3.76 10.05
C SER A 111 -3.53 4.71 10.91
N VAL A 112 -3.00 5.89 11.19
CA VAL A 112 -3.70 6.89 11.97
C VAL A 112 -3.89 8.15 11.14
N THR A 113 -5.13 8.61 11.05
CA THR A 113 -5.49 9.81 10.28
C THR A 113 -5.99 10.85 11.28
N VAL A 114 -5.44 12.06 11.21
CA VAL A 114 -5.91 13.17 12.05
C VAL A 114 -6.85 14.02 11.20
N SER A 115 -8.12 14.05 11.58
CA SER A 115 -9.13 14.71 10.77
C SER A 115 -10.37 15.00 11.61
N SER A 116 -11.02 16.12 11.30
CA SER A 116 -12.34 16.41 11.84
C SER A 116 -13.45 15.62 11.15
N ALA A 117 -13.18 15.05 9.98
CA ALA A 117 -14.22 14.38 9.21
C ALA A 117 -14.70 13.12 9.93
N SER A 118 -15.99 12.82 9.76
CA SER A 118 -16.61 11.68 10.42
C SER A 118 -16.32 10.38 9.68
N THR A 119 -16.34 9.27 10.41
CA THR A 119 -16.16 7.97 9.79
C THR A 119 -17.37 7.63 8.94
N LYS A 120 -17.13 6.89 7.87
CA LYS A 120 -18.19 6.50 6.96
C LYS A 120 -17.80 5.17 6.35
N GLY A 121 -18.72 4.21 6.35
CA GLY A 121 -18.47 2.92 5.78
C GLY A 121 -18.69 2.92 4.27
N PRO A 122 -18.00 2.03 3.57
CA PRO A 122 -18.08 2.00 2.11
C PRO A 122 -19.36 1.37 1.58
N SER A 123 -19.70 1.75 0.36
CA SER A 123 -20.63 0.98 -0.48
C SER A 123 -19.81 0.11 -1.40
N VAL A 124 -20.29 -1.09 -1.70
CA VAL A 124 -19.55 -2.02 -2.54
C VAL A 124 -20.39 -2.35 -3.77
N PHE A 125 -19.82 -2.14 -4.95
CA PHE A 125 -20.51 -2.41 -6.20
C PHE A 125 -19.73 -3.42 -7.03
N PRO A 126 -20.42 -4.21 -7.85
CA PRO A 126 -19.72 -5.23 -8.63
C PRO A 126 -19.08 -4.65 -9.87
N LEU A 127 -17.89 -5.17 -10.21
CA LEU A 127 -17.32 -5.02 -11.54
C LEU A 127 -17.53 -6.36 -12.23
N ALA A 128 -18.63 -6.47 -12.97
CA ALA A 128 -19.08 -7.78 -13.44
C ALA A 128 -18.28 -8.22 -14.66
N PRO A 129 -17.86 -9.49 -14.70
CA PRO A 129 -17.13 -9.97 -15.87
C PRO A 129 -18.09 -10.16 -17.04
N SER A 130 -17.60 -9.89 -18.24
CA SER A 130 -18.40 -10.00 -19.47
C SER A 130 -17.44 -10.11 -20.65
N SER A 131 -17.98 -10.07 -21.87
CA SER A 131 -17.11 -10.05 -23.03
C SER A 131 -16.24 -8.80 -23.04
N LYS A 132 -16.73 -7.70 -22.48
CA LYS A 132 -16.00 -6.45 -22.36
C LYS A 132 -14.81 -6.54 -21.40
N SER A 133 -14.74 -7.59 -20.59
CA SER A 133 -13.61 -7.80 -19.68
C SER A 133 -13.02 -9.19 -19.85
N THR A 134 -13.05 -9.73 -21.07
CA THR A 134 -12.46 -11.03 -21.35
C THR A 134 -11.46 -10.91 -22.50
N SER A 135 -10.25 -11.42 -22.27
CA SER A 135 -9.17 -11.46 -23.26
C SER A 135 -8.65 -12.89 -23.34
N GLY A 136 -8.66 -13.46 -24.53
CA GLY A 136 -8.30 -14.86 -24.65
C GLY A 136 -9.24 -15.70 -23.80
N GLY A 137 -8.66 -16.57 -22.98
CA GLY A 137 -9.44 -17.37 -22.06
C GLY A 137 -9.44 -16.82 -20.65
N THR A 138 -9.23 -15.51 -20.51
CA THR A 138 -9.13 -14.85 -19.21
C THR A 138 -10.21 -13.80 -19.08
N ALA A 139 -10.93 -13.83 -17.96
CA ALA A 139 -11.90 -12.80 -17.62
C ALA A 139 -11.43 -12.04 -16.39
N ALA A 140 -11.65 -10.74 -16.37
CA ALA A 140 -11.40 -9.92 -15.20
C ALA A 140 -12.73 -9.58 -14.55
N LEU A 141 -12.73 -9.52 -13.23
CA LEU A 141 -13.91 -9.13 -12.47
C LEU A 141 -13.40 -8.43 -11.22
N GLY A 142 -14.30 -7.81 -10.48
CA GLY A 142 -13.85 -7.12 -9.29
C GLY A 142 -14.97 -6.51 -8.49
N CYS A 143 -14.56 -5.71 -7.50
CA CYS A 143 -15.44 -4.94 -6.65
C CYS A 143 -14.95 -3.51 -6.57
N LEU A 144 -15.89 -2.57 -6.69
CA LEU A 144 -15.64 -1.15 -6.46
C LEU A 144 -16.06 -0.81 -5.04
N VAL A 145 -15.13 -0.32 -4.23
CA VAL A 145 -15.35 -0.05 -2.81
C VAL A 145 -15.32 1.46 -2.66
N LYS A 146 -16.50 2.10 -2.56
N LYS A 146 -16.49 2.08 -2.51
CA LYS A 146 -16.62 3.54 -2.79
CA LYS A 146 -16.66 3.51 -2.74
C LYS A 146 -17.17 4.27 -1.57
C LYS A 146 -17.14 4.24 -1.48
N ASP A 147 -16.63 5.47 -1.32
CA ASP A 147 -17.17 6.45 -0.37
C ASP A 147 -17.00 6.03 1.09
N TYR A 148 -15.76 5.87 1.54
CA TYR A 148 -15.51 5.55 2.93
C TYR A 148 -14.49 6.52 3.50
N PHE A 149 -14.40 6.52 4.83
CA PHE A 149 -13.44 7.37 5.51
C PHE A 149 -13.31 6.89 6.94
N PRO A 150 -12.09 6.81 7.49
CA PRO A 150 -10.78 7.05 6.88
C PRO A 150 -10.23 5.76 6.30
N GLU A 151 -8.98 5.80 5.83
CA GLU A 151 -8.25 4.57 5.57
C GLU A 151 -8.06 3.79 6.86
N PRO A 152 -7.87 2.46 6.78
CA PRO A 152 -7.82 1.62 5.59
C PRO A 152 -9.03 0.71 5.43
N VAL A 153 -9.12 0.10 4.25
N VAL A 153 -9.06 0.05 4.26
CA VAL A 153 -10.03 -1.01 4.04
CA VAL A 153 -10.03 -0.99 3.94
C VAL A 153 -9.18 -2.22 3.66
C VAL A 153 -9.25 -2.23 3.52
N THR A 154 -9.68 -3.41 3.98
CA THR A 154 -9.08 -4.65 3.48
C THR A 154 -10.08 -5.37 2.59
N VAL A 155 -9.56 -6.04 1.57
CA VAL A 155 -10.38 -6.80 0.63
C VAL A 155 -9.75 -8.17 0.46
N SER A 156 -10.55 -9.21 0.66
CA SER A 156 -10.16 -10.55 0.27
C SER A 156 -11.17 -11.06 -0.74
N TRP A 157 -10.82 -12.16 -1.39
CA TRP A 157 -11.70 -12.85 -2.33
C TRP A 157 -11.93 -14.27 -1.84
N ASN A 158 -13.19 -14.70 -1.86
CA ASN A 158 -13.58 -16.04 -1.42
C ASN A 158 -12.96 -16.39 -0.08
N SER A 159 -13.02 -15.42 0.85
CA SER A 159 -12.57 -15.60 2.22
C SER A 159 -11.09 -15.92 2.30
N GLY A 160 -10.32 -15.52 1.29
CA GLY A 160 -8.90 -15.75 1.25
C GLY A 160 -8.48 -16.98 0.46
N ALA A 161 -9.45 -17.76 -0.03
CA ALA A 161 -9.12 -18.90 -0.87
C ALA A 161 -8.64 -18.46 -2.25
N LEU A 162 -8.91 -17.23 -2.68
CA LEU A 162 -8.53 -16.75 -4.00
C LEU A 162 -7.53 -15.61 -3.82
N THR A 163 -6.27 -15.85 -4.20
CA THR A 163 -5.23 -14.84 -4.04
C THR A 163 -4.51 -14.61 -5.36
N SER A 164 -4.37 -15.64 -6.17
CA SER A 164 -3.64 -15.52 -7.41
C SER A 164 -4.37 -14.60 -8.38
N GLY A 165 -3.64 -13.66 -8.98
CA GLY A 165 -4.21 -12.74 -9.94
C GLY A 165 -4.99 -11.57 -9.36
N VAL A 166 -5.00 -11.39 -8.04
CA VAL A 166 -5.75 -10.31 -7.41
C VAL A 166 -4.90 -9.04 -7.43
N HIS A 167 -5.54 -7.91 -7.74
CA HIS A 167 -4.92 -6.60 -7.63
C HIS A 167 -5.87 -5.71 -6.86
N THR A 168 -5.50 -5.35 -5.64
CA THR A 168 -6.28 -4.39 -4.85
C THR A 168 -5.55 -3.06 -4.93
N PHE A 169 -6.19 -2.10 -5.60
CA PHE A 169 -5.55 -0.83 -5.91
C PHE A 169 -5.47 0.06 -4.67
N PRO A 170 -4.44 0.90 -4.61
CA PRO A 170 -4.40 1.97 -3.59
C PRO A 170 -5.62 2.86 -3.70
N ALA A 171 -6.19 3.21 -2.56
CA ALA A 171 -7.33 4.10 -2.56
C ALA A 171 -6.95 5.47 -3.10
N VAL A 172 -7.91 6.14 -3.68
CA VAL A 172 -7.78 7.55 -4.05
C VAL A 172 -8.80 8.36 -3.26
N LEU A 173 -8.40 9.54 -2.82
CA LEU A 173 -9.33 10.46 -2.17
C LEU A 173 -10.11 11.22 -3.25
N GLN A 174 -11.43 11.09 -3.24
CA GLN A 174 -12.28 11.76 -4.22
C GLN A 174 -12.46 13.24 -3.86
N SER A 175 -13.00 14.01 -4.81
CA SER A 175 -13.21 15.43 -4.54
C SER A 175 -14.22 15.65 -3.43
N SER A 176 -15.01 14.63 -3.09
CA SER A 176 -15.92 14.68 -1.95
C SER A 176 -15.22 14.53 -0.62
N GLY A 177 -13.93 14.19 -0.61
CA GLY A 177 -13.28 13.91 0.66
C GLY A 177 -13.50 12.51 1.20
N LEU A 178 -14.03 11.60 0.38
CA LEU A 178 -14.14 10.19 0.74
C LEU A 178 -13.26 9.35 -0.18
N TYR A 179 -12.75 8.25 0.34
CA TYR A 179 -11.86 7.36 -0.41
C TYR A 179 -12.67 6.43 -1.31
N SER A 180 -12.00 5.91 -2.34
CA SER A 180 -12.55 4.86 -3.18
C SER A 180 -11.40 4.01 -3.69
N LEU A 181 -11.63 2.71 -3.83
CA LEU A 181 -10.69 1.83 -4.53
C LEU A 181 -11.46 0.71 -5.23
N SER A 182 -10.76 0.03 -6.14
CA SER A 182 -11.26 -1.21 -6.72
C SER A 182 -10.30 -2.34 -6.39
N SER A 183 -10.85 -3.55 -6.25
CA SER A 183 -10.06 -4.77 -6.21
C SER A 183 -10.51 -5.64 -7.37
N VAL A 184 -9.55 -6.11 -8.19
CA VAL A 184 -9.91 -6.90 -9.36
C VAL A 184 -9.14 -8.21 -9.33
N VAL A 185 -9.62 -9.18 -10.11
CA VAL A 185 -8.96 -10.47 -10.21
C VAL A 185 -9.21 -11.02 -11.61
N THR A 186 -8.18 -11.66 -12.17
CA THR A 186 -8.33 -12.37 -13.44
C THR A 186 -8.45 -13.86 -13.16
N VAL A 187 -9.42 -14.48 -13.81
CA VAL A 187 -9.74 -15.90 -13.63
C VAL A 187 -9.98 -16.52 -15.00
N PRO A 188 -9.93 -17.84 -15.10
CA PRO A 188 -10.31 -18.49 -16.37
C PRO A 188 -11.74 -18.12 -16.75
N SER A 189 -11.91 -17.69 -18.01
CA SER A 189 -13.25 -17.34 -18.46
C SER A 189 -14.19 -18.56 -18.41
N SER A 190 -13.63 -19.76 -18.52
CA SER A 190 -14.42 -20.98 -18.42
C SER A 190 -14.89 -21.26 -16.99
N SER A 191 -14.38 -20.53 -16.01
CA SER A 191 -14.86 -20.71 -14.65
C SER A 191 -16.10 -19.88 -14.34
N LEU A 192 -16.46 -18.93 -15.21
CA LEU A 192 -17.51 -17.98 -14.85
C LEU A 192 -18.85 -18.66 -14.63
N GLY A 193 -19.12 -19.74 -15.37
CA GLY A 193 -20.37 -20.46 -15.15
C GLY A 193 -20.43 -21.15 -13.79
N THR A 194 -19.30 -21.65 -13.31
CA THR A 194 -19.30 -22.66 -12.25
C THR A 194 -18.63 -22.24 -10.95
N GLN A 195 -17.78 -21.21 -10.94
CA GLN A 195 -17.10 -20.80 -9.73
C GLN A 195 -17.75 -19.53 -9.18
N THR A 196 -18.05 -19.54 -7.88
CA THR A 196 -18.55 -18.34 -7.21
C THR A 196 -17.39 -17.44 -6.83
N TYR A 197 -17.60 -16.13 -6.98
CA TYR A 197 -16.61 -15.12 -6.68
C TYR A 197 -17.26 -14.08 -5.76
N ILE A 198 -16.72 -13.95 -4.56
CA ILE A 198 -17.22 -13.02 -3.57
C ILE A 198 -16.04 -12.22 -3.03
N CYS A 199 -16.18 -10.90 -3.00
CA CYS A 199 -15.18 -10.06 -2.37
C CYS A 199 -15.65 -9.73 -0.97
N ASN A 200 -14.75 -9.85 0.00
CA ASN A 200 -15.03 -9.64 1.41
C ASN A 200 -14.34 -8.34 1.79
N VAL A 201 -15.14 -7.33 2.13
CA VAL A 201 -14.65 -5.98 2.40
C VAL A 201 -14.79 -5.71 3.89
N ASN A 202 -13.71 -5.29 4.54
CA ASN A 202 -13.74 -4.93 5.95
C ASN A 202 -13.24 -3.49 6.10
N HIS A 203 -14.07 -2.62 6.67
CA HIS A 203 -13.69 -1.27 7.04
C HIS A 203 -13.79 -1.19 8.55
N LYS A 204 -12.68 -1.50 9.23
CA LYS A 204 -12.71 -1.51 10.69
C LYS A 204 -13.11 -0.18 11.33
N PRO A 205 -12.69 0.99 10.83
CA PRO A 205 -13.06 2.24 11.53
C PRO A 205 -14.55 2.48 11.66
N SER A 206 -15.38 1.94 10.76
CA SER A 206 -16.82 2.08 10.85
C SER A 206 -17.50 0.78 11.26
N ASN A 207 -16.73 -0.25 11.57
CA ASN A 207 -17.27 -1.58 11.87
C ASN A 207 -18.17 -2.07 10.75
N THR A 208 -17.71 -1.92 9.51
CA THR A 208 -18.50 -2.29 8.34
C THR A 208 -17.84 -3.52 7.71
N LYS A 209 -18.62 -4.59 7.56
CA LYS A 209 -18.18 -5.76 6.81
C LYS A 209 -19.21 -6.02 5.72
N VAL A 210 -18.74 -6.25 4.50
CA VAL A 210 -19.62 -6.50 3.36
C VAL A 210 -19.08 -7.70 2.59
N ASP A 211 -19.96 -8.62 2.21
CA ASP A 211 -19.63 -9.67 1.24
C ASP A 211 -20.42 -9.39 -0.02
N LYS A 212 -19.73 -9.23 -1.16
CA LYS A 212 -20.40 -8.92 -2.41
C LYS A 212 -20.17 -10.06 -3.40
N LYS A 213 -21.25 -10.72 -3.79
CA LYS A 213 -21.14 -11.73 -4.84
C LYS A 213 -21.12 -11.03 -6.19
N VAL A 214 -20.15 -11.37 -7.02
CA VAL A 214 -19.95 -10.75 -8.32
C VAL A 214 -20.31 -11.79 -9.39
N GLU A 215 -21.40 -11.55 -10.10
CA GLU A 215 -21.88 -12.50 -11.11
C GLU A 215 -21.69 -11.94 -12.52
N PRO A 216 -21.52 -12.82 -13.51
CA PRO A 216 -21.26 -12.35 -14.87
C PRO A 216 -22.45 -11.58 -15.46
N LYS A 217 -22.15 -10.83 -16.52
CA LYS A 217 -23.15 -10.14 -17.32
C LYS A 217 -22.95 -10.54 -18.78
N SER A 218 -24.01 -10.37 -19.58
CA SER A 218 -23.97 -10.58 -21.02
C SER A 218 -24.02 -9.22 -21.70
N CYS A 219 -22.99 -8.91 -22.51
CA CYS A 219 -22.87 -7.59 -23.14
C CYS A 219 -22.72 -7.74 -24.65
N ASP A 220 -23.86 -7.74 -25.36
CA ASP A 220 -23.90 -7.59 -26.82
C ASP A 220 -25.34 -7.48 -27.32
N ASP B 1 21.09 16.78 16.16
CA ASP B 1 20.68 15.47 15.64
C ASP B 1 21.56 15.08 14.46
N ILE B 2 21.83 13.78 14.33
CA ILE B 2 22.55 13.26 13.17
C ILE B 2 21.59 13.19 11.99
N LYS B 3 21.95 13.83 10.89
CA LYS B 3 21.14 13.81 9.68
C LYS B 3 21.65 12.71 8.76
N MET B 4 20.75 11.81 8.37
CA MET B 4 21.09 10.74 7.44
C MET B 4 20.60 11.12 6.04
N THR B 5 21.48 11.01 5.06
CA THR B 5 21.17 11.34 3.68
C THR B 5 21.43 10.12 2.82
N GLN B 6 20.40 9.60 2.19
CA GLN B 6 20.53 8.50 1.25
C GLN B 6 20.57 9.07 -0.16
N SER B 7 21.59 8.68 -0.91
CA SER B 7 21.98 9.49 -2.05
C SER B 7 21.08 9.23 -3.27
N PRO B 8 21.00 8.01 -3.80
CA PRO B 8 20.06 7.81 -4.91
C PRO B 8 18.65 7.70 -4.34
N SER B 9 17.78 8.64 -4.72
CA SER B 9 16.41 8.60 -4.19
C SER B 9 15.64 7.42 -4.77
N SER B 10 15.89 7.10 -6.04
CA SER B 10 15.36 5.88 -6.63
C SER B 10 16.29 5.44 -7.74
N LEU B 11 16.36 4.13 -7.95
CA LEU B 11 17.15 3.55 -9.02
C LEU B 11 16.39 2.38 -9.62
N ALA B 12 16.66 2.10 -10.89
CA ALA B 12 16.06 0.98 -11.60
C ALA B 12 17.16 0.00 -12.01
N VAL B 13 16.93 -1.29 -11.79
CA VAL B 13 17.94 -2.32 -12.01
C VAL B 13 17.28 -3.56 -12.63
N SER B 14 18.00 -4.24 -13.53
CA SER B 14 17.48 -5.45 -14.14
C SER B 14 17.83 -6.67 -13.30
N VAL B 15 17.00 -7.70 -13.43
CA VAL B 15 17.25 -8.96 -12.71
C VAL B 15 18.63 -9.49 -13.09
N GLY B 16 19.35 -9.96 -12.08
CA GLY B 16 20.70 -10.46 -12.24
C GLY B 16 21.79 -9.42 -12.12
N GLU B 17 21.49 -8.14 -12.31
CA GLU B 17 22.52 -7.11 -12.21
C GLU B 17 22.90 -6.87 -10.74
N LYS B 18 23.80 -5.90 -10.57
CA LYS B 18 24.35 -5.53 -9.28
C LYS B 18 24.23 -4.03 -9.14
N VAL B 19 23.79 -3.57 -7.97
CA VAL B 19 23.53 -2.15 -7.77
C VAL B 19 23.92 -1.79 -6.35
N SER B 20 24.28 -0.52 -6.17
CA SER B 20 24.72 -0.04 -4.86
C SER B 20 24.07 1.30 -4.57
N MET B 21 23.89 1.57 -3.28
CA MET B 21 23.31 2.81 -2.81
C MET B 21 24.10 3.27 -1.60
N SER B 22 24.06 4.57 -1.34
CA SER B 22 24.90 5.11 -0.27
C SER B 22 24.07 5.81 0.80
N CYS B 23 24.63 5.83 2.00
CA CYS B 23 24.06 6.50 3.17
C CYS B 23 25.17 7.33 3.81
N LYS B 24 24.99 8.66 3.81
CA LYS B 24 25.94 9.58 4.42
C LYS B 24 25.34 10.20 5.68
N SER B 25 26.10 10.18 6.77
CA SER B 25 25.70 10.80 8.03
C SER B 25 26.39 12.13 8.25
N SER B 26 25.70 13.04 8.95
CA SER B 26 26.26 14.35 9.24
C SER B 26 27.33 14.32 10.31
N GLN B 27 27.42 13.23 11.08
CA GLN B 27 28.50 13.01 12.03
C GLN B 27 28.95 11.56 11.90
N SER B 28 30.18 11.31 12.31
CA SER B 28 30.70 9.95 12.27
C SER B 28 29.89 9.04 13.18
N LEU B 29 29.50 7.88 12.67
CA LEU B 29 28.86 6.84 13.45
C LEU B 29 29.85 5.85 14.01
N LEU B 30 31.15 6.11 13.84
CA LEU B 30 32.20 5.20 14.28
C LEU B 30 32.63 5.57 15.69
N TYR B 31 32.60 4.59 16.58
CA TYR B 31 33.07 4.79 17.95
C TYR B 31 34.48 4.23 18.08
N SER B 32 35.42 5.09 18.48
CA SER B 32 36.83 4.74 18.49
C SER B 32 37.09 3.49 19.33
N TYR B 33 36.66 3.52 20.60
CA TYR B 33 36.88 2.39 21.50
C TYR B 33 36.36 1.09 20.90
N ASN B 34 35.34 1.18 20.05
CA ASN B 34 34.67 0.04 19.43
C ASN B 34 35.24 -0.31 18.07
N GLN B 35 35.59 0.72 17.28
CA GLN B 35 35.88 0.56 15.86
C GLN B 35 34.72 -0.15 15.17
N LYS B 36 33.50 0.13 15.66
CA LYS B 36 32.26 -0.30 15.02
C LYS B 36 31.47 0.92 14.59
N ASN B 37 30.74 0.79 13.49
CA ASN B 37 29.84 1.83 13.02
C ASN B 37 28.41 1.48 13.42
N TYR B 38 27.75 2.41 14.10
CA TYR B 38 26.40 2.18 14.61
C TYR B 38 25.39 2.53 13.51
N LEU B 39 25.33 1.65 12.51
CA LEU B 39 24.45 1.84 11.36
C LEU B 39 23.71 0.55 11.04
N ALA B 40 22.47 0.69 10.59
CA ALA B 40 21.67 -0.45 10.19
C ALA B 40 21.00 -0.16 8.85
N TRP B 41 20.71 -1.24 8.12
CA TRP B 41 19.99 -1.17 6.86
C TRP B 41 18.70 -1.97 6.98
N TYR B 42 17.62 -1.42 6.44
CA TYR B 42 16.32 -2.07 6.44
C TYR B 42 15.81 -2.19 5.02
N GLN B 43 15.00 -3.22 4.77
CA GLN B 43 14.29 -3.41 3.52
C GLN B 43 12.80 -3.35 3.78
N GLN B 44 12.09 -2.44 3.10
CA GLN B 44 10.65 -2.34 3.26
C GLN B 44 9.98 -2.66 1.93
N ALA B 45 9.45 -3.85 1.83
CA ALA B 45 8.70 -4.29 0.66
C ALA B 45 7.30 -3.66 0.69
N PRO B 46 6.64 -3.57 -0.47
CA PRO B 46 5.30 -2.96 -0.51
C PRO B 46 4.33 -3.59 0.49
N GLY B 47 3.63 -2.74 1.24
CA GLY B 47 2.62 -3.18 2.17
C GLY B 47 3.13 -3.80 3.45
N GLN B 48 4.44 -3.81 3.69
CA GLN B 48 5.01 -4.46 4.85
C GLN B 48 5.76 -3.46 5.72
N SER B 49 6.06 -3.87 6.94
CA SER B 49 6.93 -3.11 7.79
C SER B 49 8.38 -3.25 7.34
N PRO B 50 9.25 -2.31 7.72
CA PRO B 50 10.68 -2.47 7.43
C PRO B 50 11.23 -3.75 8.06
N LYS B 51 12.22 -4.33 7.41
CA LYS B 51 12.84 -5.57 7.85
C LYS B 51 14.35 -5.35 7.99
N LEU B 52 14.88 -5.70 9.16
CA LEU B 52 16.31 -5.50 9.42
C LEU B 52 17.14 -6.36 8.48
N LEU B 53 18.01 -5.71 7.70
CA LEU B 53 18.92 -6.39 6.78
C LEU B 53 20.33 -6.51 7.35
N ILE B 54 20.93 -5.37 7.70
CA ILE B 54 22.34 -5.25 8.07
C ILE B 54 22.42 -4.43 9.34
N TYR B 55 23.33 -4.80 10.24
CA TYR B 55 23.64 -3.96 11.38
C TYR B 55 25.14 -3.98 11.63
N TRP B 56 25.58 -3.10 12.53
CA TRP B 56 27.01 -2.76 12.66
C TRP B 56 27.61 -2.44 11.30
N ALA B 57 26.78 -1.88 10.40
CA ALA B 57 27.16 -1.41 9.07
C ALA B 57 27.45 -2.54 8.07
N SER B 58 27.84 -3.74 8.55
CA SER B 58 28.19 -4.81 7.62
C SER B 58 27.86 -6.21 8.09
N THR B 59 27.26 -6.39 9.27
CA THR B 59 26.83 -7.72 9.72
C THR B 59 25.43 -8.04 9.19
N ARG B 60 25.27 -9.20 8.55
CA ARG B 60 23.97 -9.61 8.04
C ARG B 60 23.09 -10.21 9.14
N GLU B 61 21.80 -9.89 9.10
CA GLU B 61 20.82 -10.57 9.93
C GLU B 61 20.69 -12.03 9.52
N SER B 62 20.24 -12.85 10.47
CA SER B 62 20.01 -14.26 10.19
C SER B 62 18.95 -14.41 9.11
N GLY B 63 19.28 -15.13 8.04
CA GLY B 63 18.38 -15.32 6.93
C GLY B 63 18.62 -14.41 5.75
N VAL B 64 19.43 -13.37 5.92
CA VAL B 64 19.70 -12.42 4.83
C VAL B 64 20.75 -13.03 3.91
N PRO B 65 20.46 -13.21 2.62
CA PRO B 65 21.41 -13.85 1.71
C PRO B 65 22.63 -12.97 1.47
N ASP B 66 23.72 -13.64 1.05
CA ASP B 66 25.01 -12.98 0.91
C ASP B 66 25.03 -11.90 -0.16
N ARG B 67 24.05 -11.90 -1.07
N ARG B 67 24.04 -11.90 -1.07
CA ARG B 67 24.03 -10.89 -2.12
CA ARG B 67 24.02 -10.89 -2.11
C ARG B 67 23.74 -9.49 -1.58
C ARG B 67 23.71 -9.50 -1.60
N PHE B 68 23.25 -9.37 -0.36
CA PHE B 68 23.13 -8.08 0.32
C PHE B 68 24.41 -7.85 1.12
N THR B 69 25.14 -6.78 0.81
CA THR B 69 26.40 -6.47 1.47
C THR B 69 26.45 -5.00 1.86
N GLY B 70 26.66 -4.72 3.14
CA GLY B 70 26.84 -3.36 3.62
C GLY B 70 28.32 -3.09 3.86
N SER B 71 28.75 -1.88 3.49
CA SER B 71 30.14 -1.51 3.68
C SER B 71 30.22 -0.02 4.00
N GLY B 72 31.44 0.46 4.20
CA GLY B 72 31.67 1.84 4.57
C GLY B 72 32.03 1.97 6.04
N SER B 73 32.39 3.19 6.42
CA SER B 73 32.87 3.47 7.77
C SER B 73 32.73 4.95 8.03
N GLY B 74 32.53 5.31 9.31
CA GLY B 74 32.51 6.70 9.71
C GLY B 74 31.31 7.50 9.27
N THR B 75 31.42 8.17 8.11
CA THR B 75 30.35 9.00 7.60
C THR B 75 29.90 8.59 6.21
N ASP B 76 30.43 7.50 5.66
CA ASP B 76 30.17 7.08 4.29
C ASP B 76 29.86 5.59 4.28
N PHE B 77 28.64 5.25 3.86
CA PHE B 77 28.19 3.87 3.93
C PHE B 77 27.54 3.47 2.61
N THR B 78 27.50 2.17 2.38
CA THR B 78 27.04 1.63 1.11
C THR B 78 26.33 0.32 1.34
N LEU B 79 25.17 0.17 0.69
CA LEU B 79 24.48 -1.09 0.57
C LEU B 79 24.57 -1.54 -0.88
N THR B 80 25.04 -2.77 -1.08
CA THR B 80 25.18 -3.35 -2.41
C THR B 80 24.28 -4.57 -2.51
N ILE B 81 23.53 -4.66 -3.60
CA ILE B 81 22.74 -5.84 -3.91
C ILE B 81 23.28 -6.40 -5.22
N SER B 82 23.74 -7.65 -5.18
CA SER B 82 24.20 -8.34 -6.36
C SER B 82 23.20 -9.44 -6.72
N ASN B 83 23.27 -9.90 -7.96
CA ASN B 83 22.37 -10.96 -8.43
C ASN B 83 20.91 -10.59 -8.12
N VAL B 84 20.54 -9.37 -8.50
CA VAL B 84 19.22 -8.81 -8.16
C VAL B 84 18.11 -9.76 -8.59
N LYS B 85 17.15 -9.97 -7.70
CA LYS B 85 15.96 -10.77 -7.96
C LYS B 85 14.72 -9.89 -7.95
N THR B 86 13.65 -10.38 -8.60
CA THR B 86 12.43 -9.57 -8.73
C THR B 86 11.90 -9.15 -7.36
N GLU B 87 12.00 -10.02 -6.35
CA GLU B 87 11.50 -9.72 -5.02
C GLU B 87 12.36 -8.72 -4.26
N ASP B 88 13.44 -8.20 -4.85
CA ASP B 88 14.24 -7.19 -4.17
C ASP B 88 13.63 -5.80 -4.27
N LEU B 89 12.50 -5.66 -4.95
CA LEU B 89 11.75 -4.42 -5.01
C LEU B 89 11.37 -3.97 -3.61
N ALA B 90 11.73 -2.73 -3.26
CA ALA B 90 11.50 -2.23 -1.89
C ALA B 90 12.08 -0.83 -1.77
N VAL B 91 11.79 -0.18 -0.63
CA VAL B 91 12.53 0.98 -0.19
C VAL B 91 13.55 0.50 0.84
N TYR B 92 14.81 0.90 0.66
CA TYR B 92 15.89 0.53 1.57
C TYR B 92 16.22 1.74 2.41
N TYR B 93 16.26 1.55 3.72
CA TYR B 93 16.49 2.62 4.69
C TYR B 93 17.76 2.36 5.45
N CYS B 94 18.51 3.43 5.74
CA CYS B 94 19.56 3.36 6.75
C CYS B 94 19.09 4.04 8.02
N GLN B 95 19.74 3.67 9.12
CA GLN B 95 19.38 4.12 10.46
C GLN B 95 20.64 4.22 11.30
N GLN B 96 20.91 5.38 11.88
CA GLN B 96 21.98 5.49 12.86
C GLN B 96 21.43 5.24 14.25
N TYR B 97 22.18 4.48 15.04
CA TYR B 97 21.94 4.36 16.47
C TYR B 97 23.19 4.74 17.24
N HIS B 98 23.93 5.72 16.70
CA HIS B 98 25.11 6.26 17.37
C HIS B 98 24.70 7.21 18.49
N SER B 99 23.79 8.12 18.20
CA SER B 99 23.32 9.12 19.15
C SER B 99 21.80 9.09 19.22
N HIS B 100 21.25 9.68 20.28
CA HIS B 100 19.80 9.87 20.34
C HIS B 100 19.45 11.32 20.02
N PRO B 101 18.31 11.59 19.37
CA PRO B 101 17.33 10.61 18.90
C PRO B 101 17.86 9.74 17.75
N LEU B 102 17.48 8.48 17.73
CA LEU B 102 17.74 7.64 16.56
C LEU B 102 17.14 8.30 15.33
N THR B 103 17.84 8.20 14.20
CA THR B 103 17.38 8.87 12.99
C THR B 103 17.59 7.96 11.79
N PHE B 104 16.73 8.14 10.81
CA PHE B 104 16.66 7.31 9.61
C PHE B 104 16.94 8.15 8.38
N GLY B 105 17.56 7.53 7.37
CA GLY B 105 17.57 8.13 6.05
C GLY B 105 16.16 8.18 5.48
N GLN B 106 16.03 8.89 4.37
CA GLN B 106 14.72 9.04 3.72
C GLN B 106 14.43 7.93 2.71
N GLY B 107 15.36 7.00 2.51
CA GLY B 107 15.04 5.83 1.72
C GLY B 107 15.59 5.91 0.30
N THR B 108 15.98 4.75 -0.21
CA THR B 108 16.27 4.56 -1.63
C THR B 108 15.30 3.53 -2.18
N LYS B 109 14.48 3.94 -3.14
CA LYS B 109 13.51 3.05 -3.76
C LYS B 109 14.17 2.31 -4.92
N VAL B 110 14.09 0.98 -4.89
CA VAL B 110 14.69 0.13 -5.91
C VAL B 110 13.56 -0.46 -6.73
N GLU B 111 13.55 -0.13 -8.03
CA GLU B 111 12.57 -0.62 -9.00
C GLU B 111 13.27 -1.61 -9.92
N ILE B 112 12.51 -2.57 -10.43
CA ILE B 112 13.06 -3.61 -11.29
C ILE B 112 12.75 -3.26 -12.74
N LYS B 113 13.78 -3.32 -13.58
CA LYS B 113 13.60 -3.20 -15.03
C LYS B 113 13.33 -4.57 -15.62
N ARG B 114 12.44 -4.61 -16.62
CA ARG B 114 12.18 -5.84 -17.36
C ARG B 114 11.80 -5.49 -18.80
N THR B 115 11.49 -6.52 -19.58
CA THR B 115 11.03 -6.28 -20.94
C THR B 115 9.64 -5.63 -20.96
N VAL B 116 9.35 -4.94 -22.07
CA VAL B 116 8.06 -4.31 -22.27
C VAL B 116 6.97 -5.38 -22.24
N ALA B 117 5.84 -5.06 -21.58
CA ALA B 117 4.67 -5.93 -21.59
C ALA B 117 3.44 -5.06 -21.78
N ALA B 118 2.68 -5.32 -22.86
CA ALA B 118 1.51 -4.52 -23.15
C ALA B 118 0.39 -4.83 -22.15
N PRO B 119 -0.42 -3.83 -21.80
CA PRO B 119 -1.55 -4.08 -20.89
C PRO B 119 -2.66 -4.88 -21.55
N SER B 120 -3.28 -5.75 -20.77
CA SER B 120 -4.63 -6.22 -21.12
C SER B 120 -5.62 -5.16 -20.67
N VAL B 121 -6.53 -4.78 -21.55
CA VAL B 121 -7.46 -3.69 -21.28
C VAL B 121 -8.87 -4.25 -21.12
N PHE B 122 -9.52 -3.92 -20.01
CA PHE B 122 -10.86 -4.38 -19.69
C PHE B 122 -11.72 -3.19 -19.27
N ILE B 123 -12.98 -3.17 -19.67
CA ILE B 123 -13.89 -2.09 -19.26
C ILE B 123 -15.11 -2.66 -18.55
N PHE B 124 -15.60 -1.93 -17.56
CA PHE B 124 -16.72 -2.34 -16.70
C PHE B 124 -17.80 -1.27 -16.69
N PRO B 125 -18.97 -1.52 -17.25
CA PRO B 125 -20.07 -0.56 -17.13
C PRO B 125 -20.51 -0.41 -15.69
N PRO B 126 -21.22 0.66 -15.35
CA PRO B 126 -21.71 0.80 -13.98
C PRO B 126 -22.80 -0.22 -13.70
N SER B 127 -22.90 -0.59 -12.43
CA SER B 127 -23.90 -1.55 -11.98
C SER B 127 -25.26 -0.87 -11.83
N ASP B 128 -26.32 -1.68 -11.96
CA ASP B 128 -27.66 -1.16 -11.65
C ASP B 128 -27.76 -0.72 -10.20
N SER B 129 -27.11 -1.47 -9.29
CA SER B 129 -27.07 -1.10 -7.88
C SER B 129 -26.60 0.35 -7.69
N GLN B 130 -25.49 0.71 -8.35
CA GLN B 130 -24.98 2.07 -8.20
C GLN B 130 -25.88 3.09 -8.90
N LEU B 131 -26.35 2.77 -10.10
CA LEU B 131 -27.22 3.69 -10.83
C LEU B 131 -28.45 4.05 -9.98
N LYS B 132 -29.01 3.06 -9.28
CA LYS B 132 -30.15 3.33 -8.42
C LYS B 132 -29.81 4.37 -7.36
N SER B 133 -28.54 4.43 -6.96
CA SER B 133 -28.12 5.39 -5.93
C SER B 133 -27.83 6.78 -6.50
N GLY B 134 -27.84 6.94 -7.82
CA GLY B 134 -27.69 8.27 -8.42
C GLY B 134 -26.35 8.54 -9.07
N THR B 135 -25.46 7.55 -9.17
CA THR B 135 -24.11 7.77 -9.67
C THR B 135 -23.73 6.62 -10.59
N ALA B 136 -22.91 6.94 -11.60
CA ALA B 136 -22.36 5.95 -12.51
C ALA B 136 -20.84 6.01 -12.47
N SER B 137 -20.19 4.95 -12.01
CA SER B 137 -18.74 4.82 -12.09
C SER B 137 -18.43 3.83 -13.20
N VAL B 138 -17.62 4.26 -14.17
CA VAL B 138 -17.17 3.41 -15.27
C VAL B 138 -15.70 3.13 -15.05
N VAL B 139 -15.32 1.85 -15.06
CA VAL B 139 -13.95 1.46 -14.69
C VAL B 139 -13.24 0.85 -15.87
N CYS B 140 -12.03 1.34 -16.13
CA CYS B 140 -11.15 0.81 -17.18
C CYS B 140 -9.92 0.24 -16.47
N LEU B 141 -9.63 -1.04 -16.72
CA LEU B 141 -8.51 -1.75 -16.10
C LEU B 141 -7.42 -2.00 -17.12
N LEU B 142 -6.18 -1.60 -16.80
CA LEU B 142 -4.98 -1.95 -17.56
C LEU B 142 -4.21 -2.95 -16.71
N ASN B 143 -4.13 -4.19 -17.17
CA ASN B 143 -3.59 -5.26 -16.33
C ASN B 143 -2.22 -5.75 -16.78
N ASN B 144 -1.28 -5.80 -15.82
CA ASN B 144 0.00 -6.50 -15.93
C ASN B 144 0.88 -5.96 -17.07
N PHE B 145 1.25 -4.69 -16.96
CA PHE B 145 2.02 -4.05 -18.03
C PHE B 145 3.35 -3.51 -17.51
N TYR B 146 4.25 -3.23 -18.45
CA TYR B 146 5.55 -2.63 -18.17
C TYR B 146 6.01 -1.90 -19.42
N PRO B 147 6.54 -0.66 -19.31
CA PRO B 147 6.83 0.11 -18.09
C PRO B 147 5.58 0.79 -17.51
N ARG B 148 5.74 1.52 -16.40
CA ARG B 148 4.59 2.09 -15.70
C ARG B 148 3.87 3.16 -16.51
N GLU B 149 4.58 3.87 -17.39
CA GLU B 149 3.99 4.97 -18.14
C GLU B 149 2.86 4.47 -19.05
N ALA B 150 1.69 5.11 -18.94
CA ALA B 150 0.55 4.72 -19.76
C ALA B 150 -0.40 5.90 -19.85
N LYS B 151 -1.18 5.95 -20.93
CA LYS B 151 -2.13 7.04 -21.10
C LYS B 151 -3.51 6.47 -21.34
N VAL B 152 -4.49 6.90 -20.52
CA VAL B 152 -5.88 6.50 -20.64
C VAL B 152 -6.72 7.73 -20.93
N GLN B 153 -7.52 7.67 -22.00
CA GLN B 153 -8.43 8.73 -22.38
C GLN B 153 -9.85 8.21 -22.44
N TRP B 154 -10.75 8.87 -21.72
CA TRP B 154 -12.18 8.56 -21.77
C TRP B 154 -12.85 9.36 -22.87
N LYS B 155 -13.69 8.70 -23.68
CA LYS B 155 -14.53 9.40 -24.63
C LYS B 155 -15.97 8.95 -24.45
N VAL B 156 -16.88 9.90 -24.40
CA VAL B 156 -18.31 9.63 -24.24
C VAL B 156 -19.00 10.23 -25.45
N ASP B 157 -19.59 9.38 -26.29
CA ASP B 157 -20.08 9.79 -27.61
C ASP B 157 -19.06 10.67 -28.33
N ASN B 158 -17.81 10.20 -28.32
CA ASN B 158 -16.67 10.83 -28.99
C ASN B 158 -16.28 12.18 -28.41
N ALA B 159 -16.81 12.59 -27.26
CA ALA B 159 -16.32 13.77 -26.56
C ALA B 159 -15.26 13.33 -25.55
N LEU B 160 -14.07 13.90 -25.65
CA LEU B 160 -13.03 13.60 -24.67
C LEU B 160 -13.44 14.10 -23.30
N GLN B 161 -13.29 13.24 -22.29
CA GLN B 161 -13.63 13.57 -20.92
C GLN B 161 -12.37 13.97 -20.16
N SER B 162 -12.47 15.05 -19.38
CA SER B 162 -11.33 15.48 -18.59
C SER B 162 -11.82 16.05 -17.27
N GLY B 163 -11.07 15.80 -16.21
CA GLY B 163 -11.39 16.31 -14.89
C GLY B 163 -12.38 15.45 -14.10
N ASN B 164 -12.98 14.44 -14.74
CA ASN B 164 -13.99 13.61 -14.09
C ASN B 164 -13.54 12.15 -13.97
N SER B 165 -12.23 11.91 -13.96
CA SER B 165 -11.74 10.56 -13.73
C SER B 165 -10.56 10.59 -12.77
N GLN B 166 -10.32 9.45 -12.13
CA GLN B 166 -9.16 9.30 -11.27
C GLN B 166 -8.48 7.96 -11.56
N GLU B 167 -7.16 7.96 -11.46
CA GLU B 167 -6.35 6.78 -11.71
C GLU B 167 -5.70 6.28 -10.42
N SER B 168 -5.50 4.97 -10.36
CA SER B 168 -4.72 4.35 -9.30
C SER B 168 -3.82 3.29 -9.91
N VAL B 169 -2.58 3.19 -9.42
CA VAL B 169 -1.61 2.23 -9.96
C VAL B 169 -1.08 1.37 -8.84
N THR B 170 -0.98 0.06 -9.07
CA THR B 170 -0.44 -0.83 -8.05
C THR B 170 1.07 -0.65 -7.92
N GLU B 171 1.60 -1.09 -6.79
CA GLU B 171 3.04 -1.23 -6.71
C GLU B 171 3.50 -2.31 -7.70
N GLN B 172 4.77 -2.26 -8.05
CA GLN B 172 5.34 -3.25 -8.95
C GLN B 172 5.21 -4.65 -8.35
N ASP B 173 4.81 -5.61 -9.20
CA ASP B 173 4.65 -6.99 -8.76
C ASP B 173 5.98 -7.62 -8.37
N SER B 174 5.99 -8.36 -7.26
CA SER B 174 7.26 -8.91 -6.78
C SER B 174 7.73 -10.14 -7.56
N LYS B 175 6.88 -10.74 -8.40
CA LYS B 175 7.23 -11.91 -9.19
C LYS B 175 7.52 -11.57 -10.65
N ASP B 176 6.64 -10.82 -11.31
CA ASP B 176 6.79 -10.52 -12.73
C ASP B 176 7.10 -9.06 -13.03
N SER B 177 7.23 -8.22 -12.00
CA SER B 177 7.72 -6.85 -12.11
C SER B 177 6.82 -5.96 -12.96
N THR B 178 5.54 -6.32 -13.12
CA THR B 178 4.61 -5.49 -13.86
C THR B 178 3.79 -4.60 -12.94
N TYR B 179 3.02 -3.72 -13.57
CA TYR B 179 2.08 -2.81 -12.91
C TYR B 179 0.67 -3.10 -13.41
N SER B 180 -0.33 -2.70 -12.62
CA SER B 180 -1.69 -2.60 -13.13
C SER B 180 -2.23 -1.23 -12.74
N LEU B 181 -3.24 -0.78 -13.48
CA LEU B 181 -3.75 0.57 -13.36
C LEU B 181 -5.26 0.56 -13.55
N SER B 182 -5.96 1.34 -12.73
CA SER B 182 -7.38 1.54 -12.91
C SER B 182 -7.62 3.01 -13.23
N SER B 183 -8.59 3.26 -14.10
CA SER B 183 -9.08 4.60 -14.32
C SER B 183 -10.60 4.55 -14.18
N THR B 184 -11.13 5.41 -13.33
CA THR B 184 -12.54 5.39 -12.97
C THR B 184 -13.16 6.73 -13.36
N LEU B 185 -14.12 6.68 -14.27
CA LEU B 185 -14.88 7.85 -14.70
C LEU B 185 -16.17 7.92 -13.89
N THR B 186 -16.45 9.08 -13.33
CA THR B 186 -17.63 9.22 -12.48
C THR B 186 -18.57 10.28 -13.05
N LEU B 187 -19.82 9.90 -13.30
CA LEU B 187 -20.85 10.81 -13.75
C LEU B 187 -22.09 10.64 -12.89
N SER B 188 -22.90 11.69 -12.82
CA SER B 188 -24.23 11.54 -12.24
C SER B 188 -25.05 10.58 -13.10
N LYS B 189 -26.06 9.97 -12.49
CA LYS B 189 -26.96 9.10 -13.24
C LYS B 189 -27.61 9.85 -14.40
N ALA B 190 -28.08 11.06 -14.14
CA ALA B 190 -28.72 11.87 -15.17
C ALA B 190 -27.80 12.11 -16.35
N ASP B 191 -26.53 12.47 -16.07
CA ASP B 191 -25.56 12.66 -17.13
C ASP B 191 -25.27 11.36 -17.86
N TYR B 192 -25.18 10.25 -17.12
CA TYR B 192 -24.87 8.96 -17.75
C TYR B 192 -25.95 8.58 -18.75
N GLU B 193 -27.21 8.79 -18.39
CA GLU B 193 -28.32 8.41 -19.27
C GLU B 193 -28.47 9.31 -20.49
N LYS B 194 -27.75 10.43 -20.54
CA LYS B 194 -27.83 11.30 -21.71
C LYS B 194 -26.94 10.84 -22.86
N HIS B 195 -26.15 9.78 -22.70
CA HIS B 195 -25.16 9.40 -23.69
C HIS B 195 -25.19 7.89 -23.92
N LYS B 196 -24.60 7.48 -25.04
CA LYS B 196 -24.65 6.10 -25.49
C LYS B 196 -23.30 5.39 -25.44
N VAL B 197 -22.28 5.91 -26.12
CA VAL B 197 -21.02 5.18 -26.27
C VAL B 197 -20.04 5.63 -25.19
N TYR B 198 -19.55 4.67 -24.42
CA TYR B 198 -18.58 4.91 -23.34
C TYR B 198 -17.32 4.14 -23.71
N ALA B 199 -16.21 4.86 -23.89
CA ALA B 199 -15.00 4.28 -24.44
C ALA B 199 -13.77 4.68 -23.63
N CYS B 200 -12.89 3.70 -23.40
CA CYS B 200 -11.59 3.89 -22.78
C CYS B 200 -10.52 3.60 -23.82
N GLU B 201 -9.69 4.59 -24.14
CA GLU B 201 -8.61 4.44 -25.11
C GLU B 201 -7.25 4.44 -24.41
N VAL B 202 -6.43 3.42 -24.70
CA VAL B 202 -5.18 3.17 -23.98
C VAL B 202 -4.02 3.28 -24.95
N THR B 203 -3.02 4.08 -24.58
CA THR B 203 -1.75 4.23 -25.28
C THR B 203 -0.63 3.76 -24.37
N HIS B 204 0.26 2.92 -24.91
CA HIS B 204 1.32 2.32 -24.12
C HIS B 204 2.42 1.87 -25.08
N GLN B 205 3.66 1.87 -24.58
CA GLN B 205 4.81 1.48 -25.42
C GLN B 205 4.67 0.08 -26.00
N GLY B 206 4.00 -0.82 -25.29
CA GLY B 206 3.81 -2.18 -25.78
C GLY B 206 2.73 -2.36 -26.81
N LEU B 207 2.00 -1.29 -27.12
CA LEU B 207 0.90 -1.30 -28.09
C LEU B 207 1.35 -0.50 -29.30
N SER B 208 1.54 -1.16 -30.45
CA SER B 208 2.00 -0.43 -31.62
C SER B 208 1.00 0.62 -32.05
N SER B 209 -0.28 0.41 -31.75
CA SER B 209 -1.34 1.39 -31.95
C SER B 209 -2.25 1.37 -30.72
N PRO B 210 -2.91 2.48 -30.43
CA PRO B 210 -3.76 2.53 -29.23
C PRO B 210 -4.89 1.51 -29.28
N VAL B 211 -5.33 1.09 -28.09
CA VAL B 211 -6.38 0.11 -27.91
C VAL B 211 -7.58 0.80 -27.27
N THR B 212 -8.76 0.61 -27.86
CA THR B 212 -10.01 1.14 -27.33
C THR B 212 -10.92 0.00 -26.93
N LYS B 213 -11.44 0.05 -25.70
CA LYS B 213 -12.54 -0.80 -25.26
C LYS B 213 -13.76 0.07 -25.01
N SER B 214 -14.94 -0.41 -25.43
CA SER B 214 -16.12 0.42 -25.29
C SER B 214 -17.35 -0.44 -25.06
N PHE B 215 -18.42 0.22 -24.63
CA PHE B 215 -19.74 -0.37 -24.57
C PHE B 215 -20.78 0.72 -24.82
N ASN B 216 -22.00 0.29 -25.15
CA ASN B 216 -23.15 1.18 -25.26
C ASN B 216 -24.00 1.07 -24.00
N ARG B 217 -24.47 2.21 -23.49
CA ARG B 217 -25.34 2.20 -22.32
C ARG B 217 -26.54 1.28 -22.57
N GLY B 218 -26.78 0.36 -21.64
CA GLY B 218 -27.91 -0.53 -21.73
C GLY B 218 -27.69 -1.84 -22.46
N GLU B 219 -26.55 -2.01 -23.14
CA GLU B 219 -26.33 -3.23 -23.91
C GLU B 219 -26.01 -4.46 -23.06
N CYS B 220 -25.89 -4.33 -21.74
CA CYS B 220 -25.57 -5.47 -20.88
C CYS B 220 -26.82 -5.91 -20.13
N SER B 221 -26.93 -7.22 -19.92
CA SER B 221 -28.04 -7.77 -19.15
C SER B 221 -27.50 -8.70 -18.07
N ARG B 222 -28.23 -8.73 -16.95
CA ARG B 222 -27.88 -9.57 -15.82
C ARG B 222 -27.63 -11.01 -16.26
N GLY B 223 -26.65 -11.64 -15.62
CA GLY B 223 -26.37 -13.04 -15.92
C GLY B 223 -27.56 -13.91 -15.58
N GLY B 224 -27.78 -14.92 -16.42
CA GLY B 224 -28.93 -15.79 -16.27
C GLY B 224 -30.03 -15.49 -17.28
N LEU B 225 -30.22 -14.20 -17.59
CA LEU B 225 -31.27 -13.82 -18.53
C LEU B 225 -30.99 -14.29 -19.95
N GLU B 226 -29.76 -14.71 -20.27
CA GLU B 226 -29.45 -15.05 -21.67
C GLU B 226 -30.19 -16.27 -22.17
N VAL B 227 -30.78 -17.09 -21.29
CA VAL B 227 -31.60 -18.20 -21.76
C VAL B 227 -32.85 -17.70 -22.49
N LEU B 228 -33.24 -16.45 -22.25
CA LEU B 228 -34.37 -15.83 -22.92
C LEU B 228 -34.00 -15.16 -24.24
N ALA B 229 -32.71 -15.15 -24.60
CA ALA B 229 -32.26 -14.51 -25.81
C ALA B 229 -31.44 -15.42 -26.70
N GLN B 230 -31.26 -16.68 -26.33
CA GLN B 230 -30.43 -17.60 -27.10
C GLN B 230 -31.13 -18.93 -27.40
#